data_8V98
#
_entry.id   8V98
#
_cell.length_a   60.751
_cell.length_b   80.821
_cell.length_c   70.983
_cell.angle_alpha   90.00
_cell.angle_beta   113.62
_cell.angle_gamma   90.00
#
_symmetry.space_group_name_H-M   'P 1 21 1'
#
loop_
_entity.id
_entity.type
_entity.pdbx_description
1 polymer 'Capsid protein VP1'
2 non-polymer 1,2-ETHANEDIOL
3 non-polymer '2-(N-MORPHOLINO)-ETHANESULFONIC ACID'
4 water water
#
_entity_poly.entity_id   1
_entity_poly.type   'polypeptide(L)'
_entity_poly.pdbx_seq_one_letter_code
;MKMASNDAAPSNDGAANLVPEANKEVMALEPVAGGAIAAPLTGQTNIIDPWIMNNFVQAPNGEFTISPRNSPGEVLLNLE
LGPDLNPFLAHLSRMYNGYAGGVEVQVIMAGNAFTAGKVIFAAVPPHFPVDNLSPPQVTMFPHVIVDVRTFEPILLPLPD
VRNSFYHYNQVNDSRMRLIAMLYTPLRSNGSSDDVFTVSCRVLTRPTPDFEFNYLVPPTVESRTKPFSVPILTIGEMTNS
RFPLPIDMLYTSPTENIVVQPQNGRCTLEGELLGTTQLVTPNICALRGEIRGHEGSGDNHKWHFMVRSPNGAAFDPTEDV
PAPLGTPDFIGDVFGVLSQRNRNTDSGQSGPANRSHDAVVSTRDSRFTPKLGSVMIATWETSDIQDQPTRFTPVGLENPD
HYNQWQLPNYSGALTLNMGLAPSVFPTYPGEQILFFRSYIPLKGGYGDSHIDCLVPQEWIQHFYQESAPSQTDVALIRYV
NPETGRVLFEAKLHRQGYITVARSGSSPINVPANGYFRFDSWVNQFYSLAPMGTGNGRRRIQ
;
_entity_poly.pdbx_strand_id   A,B
#
# COMPACT_ATOMS: atom_id res chain seq x y z
N THR A 224 26.12 3.28 20.73
CA THR A 224 25.79 3.06 19.32
C THR A 224 24.58 2.13 19.22
N LYS A 225 23.44 2.71 18.91
CA LYS A 225 22.20 1.96 18.79
C LYS A 225 22.40 0.78 17.82
N PRO A 226 22.06 -0.45 18.21
CA PRO A 226 22.27 -1.60 17.32
C PRO A 226 21.41 -1.51 16.06
N PHE A 227 22.03 -1.77 14.91
CA PHE A 227 21.32 -1.82 13.65
C PHE A 227 20.49 -3.11 13.56
N SER A 228 19.40 -3.07 12.78
CA SER A 228 18.54 -4.25 12.65
C SER A 228 17.73 -4.11 11.38
N VAL A 229 17.21 -5.23 10.89
CA VAL A 229 16.21 -5.20 9.82
C VAL A 229 14.93 -5.84 10.35
N PRO A 230 13.79 -5.55 9.72
CA PRO A 230 12.53 -6.18 10.13
C PRO A 230 12.58 -7.70 10.05
N ILE A 231 11.71 -8.33 10.84
CA ILE A 231 11.58 -9.78 10.81
C ILE A 231 10.41 -10.24 9.94
N LEU A 232 9.81 -9.33 9.19
CA LEU A 232 8.70 -9.72 8.34
C LEU A 232 9.17 -10.63 7.20
N THR A 233 8.32 -11.60 6.85
CA THR A 233 8.60 -12.44 5.69
C THR A 233 8.30 -11.69 4.40
N ILE A 234 8.79 -12.20 3.27
CA ILE A 234 8.50 -11.44 2.05
C ILE A 234 7.01 -11.48 1.76
N GLY A 235 6.31 -12.55 2.16
CA GLY A 235 4.86 -12.58 2.09
C GLY A 235 4.15 -11.62 3.02
N GLU A 236 4.88 -10.91 3.87
CA GLU A 236 4.32 -9.91 4.77
C GLU A 236 4.75 -8.49 4.40
N MET A 237 5.45 -8.30 3.29
CA MET A 237 5.82 -6.92 2.97
C MET A 237 5.47 -6.53 1.55
N THR A 238 5.87 -5.31 1.20
CA THR A 238 5.36 -4.61 0.03
C THR A 238 6.54 -4.12 -0.79
N ASN A 239 6.41 -4.19 -2.10
CA ASN A 239 7.42 -3.62 -3.00
C ASN A 239 7.49 -2.11 -2.80
N SER A 240 8.71 -1.57 -2.82
CA SER A 240 8.93 -0.14 -2.60
C SER A 240 8.97 0.68 -3.88
N ARG A 241 8.84 0.04 -5.06
CA ARG A 241 8.80 0.75 -6.33
C ARG A 241 7.43 0.71 -7.00
N PHE A 242 6.49 -0.08 -6.47
CA PHE A 242 5.11 -0.11 -6.97
C PHE A 242 4.30 -0.78 -5.89
N PRO A 243 3.07 -0.34 -5.61
CA PRO A 243 2.34 -0.90 -4.44
C PRO A 243 1.79 -2.30 -4.70
N LEU A 244 2.66 -3.28 -4.50
CA LEU A 244 2.39 -4.68 -4.85
C LEU A 244 2.94 -5.57 -3.75
N PRO A 245 2.29 -6.71 -3.50
CA PRO A 245 2.94 -7.76 -2.70
C PRO A 245 4.24 -8.20 -3.35
N ILE A 246 5.16 -8.71 -2.52
CA ILE A 246 6.43 -9.25 -2.99
C ILE A 246 6.27 -10.75 -3.20
N ASP A 247 6.68 -11.22 -4.37
CA ASP A 247 6.43 -12.61 -4.74
C ASP A 247 7.64 -13.52 -4.54
N MET A 248 8.86 -13.03 -4.71
CA MET A 248 10.02 -13.90 -4.56
C MET A 248 11.26 -13.03 -4.41
N LEU A 249 12.35 -13.67 -4.00
CA LEU A 249 13.69 -13.09 -4.17
C LEU A 249 14.21 -13.44 -5.55
N TYR A 250 15.07 -12.58 -6.09
CA TYR A 250 15.56 -12.79 -7.44
C TYR A 250 16.95 -12.18 -7.58
N THR A 251 17.83 -12.87 -8.28
CA THR A 251 19.12 -12.28 -8.60
C THR A 251 19.47 -12.57 -10.06
N SER A 252 20.31 -11.73 -10.63
CA SER A 252 20.79 -11.96 -12.00
C SER A 252 22.01 -11.08 -12.23
N PRO A 253 22.83 -11.40 -13.23
CA PRO A 253 23.90 -10.46 -13.62
C PRO A 253 23.27 -9.16 -14.10
N THR A 254 23.95 -8.04 -13.81
CA THR A 254 23.48 -6.75 -14.31
C THR A 254 24.63 -5.91 -14.86
N GLU A 255 25.68 -6.55 -15.39
CA GLU A 255 26.83 -5.79 -15.92
C GLU A 255 26.44 -4.87 -17.06
N ASN A 256 25.47 -5.28 -17.87
CA ASN A 256 25.00 -4.51 -19.02
C ASN A 256 23.99 -3.41 -18.66
N ILE A 257 23.69 -3.23 -17.38
CA ILE A 257 22.52 -2.47 -16.96
C ILE A 257 22.94 -1.49 -15.88
N VAL A 258 22.33 -0.30 -15.86
CA VAL A 258 22.57 0.67 -14.81
C VAL A 258 21.37 0.60 -13.87
N VAL A 259 21.60 0.14 -12.65
CA VAL A 259 20.54 -0.04 -11.67
C VAL A 259 20.52 1.23 -10.83
N GLN A 260 19.59 2.16 -11.16
CA GLN A 260 19.55 3.41 -10.43
CA GLN A 260 19.55 3.44 -10.47
C GLN A 260 18.11 3.82 -10.13
N PRO A 261 17.31 2.94 -9.53
CA PRO A 261 15.94 3.33 -9.20
C PRO A 261 15.95 4.49 -8.21
N GLN A 262 14.83 5.23 -8.22
CA GLN A 262 14.68 6.41 -7.37
C GLN A 262 13.62 6.28 -6.31
N ASN A 263 12.71 5.32 -6.44
CA ASN A 263 11.87 4.94 -5.32
C ASN A 263 12.48 3.72 -4.63
N GLY A 264 12.11 3.54 -3.37
CA GLY A 264 12.68 2.47 -2.55
C GLY A 264 14.14 2.66 -2.24
N ARG A 265 14.58 3.91 -2.05
CA ARG A 265 15.98 4.20 -1.80
C ARG A 265 16.12 4.84 -0.43
N CYS A 266 16.95 4.23 0.41
CA CYS A 266 17.15 4.71 1.77
C CYS A 266 18.51 4.23 2.22
N THR A 267 19.26 5.07 2.93
CA THR A 267 20.47 4.55 3.56
C THR A 267 20.14 3.71 4.80
N LEU A 268 21.14 2.99 5.28
CA LEU A 268 20.92 2.14 6.44
C LEU A 268 20.71 2.95 7.70
N GLU A 269 21.12 4.22 7.70
CA GLU A 269 20.84 5.15 8.80
C GLU A 269 19.50 5.85 8.64
N GLY A 270 18.74 5.53 7.59
CA GLY A 270 17.40 6.05 7.48
C GLY A 270 17.25 7.33 6.68
N GLU A 271 18.21 7.68 5.82
CA GLU A 271 18.10 8.85 4.96
C GLU A 271 17.39 8.47 3.67
N LEU A 272 16.20 9.03 3.45
CA LEU A 272 15.48 8.77 2.21
C LEU A 272 16.23 9.41 1.05
N LEU A 273 16.30 8.70 -0.08
CA LEU A 273 16.99 9.21 -1.25
C LEU A 273 16.06 9.27 -2.45
N GLY A 274 16.48 9.99 -3.48
CA GLY A 274 15.71 10.03 -4.73
C GLY A 274 14.33 10.63 -4.51
N THR A 275 13.32 9.97 -5.05
CA THR A 275 11.93 10.37 -4.86
C THR A 275 11.22 9.56 -3.78
N THR A 276 11.99 8.88 -2.92
CA THR A 276 11.42 7.91 -1.99
C THR A 276 10.65 8.62 -0.87
N GLN A 277 9.43 8.13 -0.60
CA GLN A 277 8.66 8.59 0.55
C GLN A 277 8.10 7.35 1.27
N LEU A 278 7.39 7.58 2.37
CA LEU A 278 7.09 6.51 3.31
C LEU A 278 5.72 5.87 3.12
N VAL A 279 4.80 6.49 2.39
CA VAL A 279 3.42 6.02 2.32
C VAL A 279 3.28 5.04 1.13
N THR A 280 2.94 3.78 1.42
CA THR A 280 2.89 2.80 0.34
C THR A 280 1.94 3.18 -0.78
N PRO A 281 0.70 3.54 -0.54
CA PRO A 281 -0.18 3.89 -1.67
C PRO A 281 0.22 5.15 -2.41
N ASN A 282 1.23 5.89 -1.95
CA ASN A 282 1.70 7.03 -2.73
C ASN A 282 2.85 6.68 -3.67
N ILE A 283 3.29 5.41 -3.70
CA ILE A 283 4.35 5.00 -4.62
C ILE A 283 3.75 4.96 -6.02
N CYS A 284 4.32 5.73 -6.95
CA CYS A 284 3.78 5.88 -8.31
C CYS A 284 2.39 6.51 -8.35
N ALA A 285 1.95 7.13 -7.27
CA ALA A 285 0.74 7.94 -7.33
C ALA A 285 1.12 9.35 -7.78
N LEU A 286 0.12 10.08 -8.27
CA LEU A 286 0.24 11.49 -8.60
C LEU A 286 -0.95 12.21 -7.98
N ARG A 287 -0.73 13.42 -7.50
CA ARG A 287 -1.78 14.23 -6.88
C ARG A 287 -1.64 15.66 -7.39
N GLY A 288 -2.75 16.35 -7.61
CA GLY A 288 -2.66 17.72 -8.04
C GLY A 288 -4.00 18.15 -8.60
N GLU A 289 -4.00 18.78 -9.76
CA GLU A 289 -5.26 19.11 -10.40
C GLU A 289 -5.10 19.08 -11.91
N ILE A 290 -6.20 18.85 -12.61
CA ILE A 290 -6.20 18.98 -14.06
C ILE A 290 -6.45 20.43 -14.44
N ARG A 291 -5.67 20.94 -15.40
CA ARG A 291 -5.89 22.30 -15.89
C ARG A 291 -5.76 22.25 -17.41
N GLY A 292 -6.86 21.87 -18.07
CA GLY A 292 -6.91 21.89 -19.51
C GLY A 292 -6.40 20.62 -20.15
N HIS A 293 -6.24 20.72 -21.46
CA HIS A 293 -5.86 19.53 -22.21
C HIS A 293 -5.29 19.97 -23.55
N GLU A 294 -4.57 19.06 -24.18
CA GLU A 294 -4.04 19.27 -25.53
C GLU A 294 -4.16 17.92 -26.22
N GLY A 295 -5.17 17.79 -27.08
CA GLY A 295 -5.48 16.50 -27.65
C GLY A 295 -6.83 16.04 -27.15
N SER A 296 -7.75 15.79 -28.08
CA SER A 296 -9.12 15.44 -27.73
C SER A 296 -9.69 14.54 -28.82
N GLY A 297 -10.90 14.05 -28.58
CA GLY A 297 -11.57 13.22 -29.55
C GLY A 297 -11.22 11.76 -29.35
N ASP A 298 -10.36 11.23 -30.20
CA ASP A 298 -9.98 9.82 -30.11
C ASP A 298 -9.24 9.52 -28.80
N ASN A 299 -8.30 10.39 -28.43
CA ASN A 299 -7.52 10.19 -27.21
C ASN A 299 -7.41 11.53 -26.49
N HIS A 300 -7.99 11.60 -25.30
CA HIS A 300 -7.99 12.84 -24.54
C HIS A 300 -6.75 12.89 -23.65
N LYS A 301 -5.98 13.97 -23.76
CA LYS A 301 -4.68 14.11 -23.12
C LYS A 301 -4.69 15.36 -22.23
N TRP A 302 -4.80 15.14 -20.93
CA TRP A 302 -5.05 16.22 -19.98
C TRP A 302 -3.77 16.73 -19.34
N HIS A 303 -3.76 18.02 -19.00
CA HIS A 303 -2.60 18.67 -18.40
C HIS A 303 -2.75 18.50 -16.89
N PHE A 304 -1.90 17.67 -16.29
CA PHE A 304 -2.00 17.29 -14.88
C PHE A 304 -0.92 18.05 -14.13
N MET A 305 -1.32 19.09 -13.37
CA MET A 305 -0.37 19.81 -12.52
C MET A 305 -0.17 19.05 -11.23
N VAL A 306 1.07 18.62 -10.98
CA VAL A 306 1.36 17.69 -9.89
C VAL A 306 1.92 18.45 -8.71
N ARG A 307 1.48 18.03 -7.52
CA ARG A 307 1.86 18.57 -6.22
C ARG A 307 2.62 17.49 -5.46
N SER A 308 3.21 17.88 -4.35
CA SER A 308 3.75 16.92 -3.42
C SER A 308 2.61 16.12 -2.76
N PRO A 309 2.87 14.88 -2.36
CA PRO A 309 1.77 14.07 -1.78
C PRO A 309 1.14 14.70 -0.55
N ASN A 310 1.88 15.50 0.20
CA ASN A 310 1.30 16.18 1.36
C ASN A 310 0.42 17.36 0.98
N GLY A 311 0.10 17.51 -0.32
CA GLY A 311 -0.76 18.57 -0.79
C GLY A 311 -0.07 19.91 -1.01
N ALA A 312 1.18 20.06 -0.60
CA ALA A 312 1.88 21.33 -0.76
C ALA A 312 2.29 21.55 -2.21
N ALA A 313 2.24 22.81 -2.64
CA ALA A 313 2.71 23.14 -3.98
C ALA A 313 4.12 22.60 -4.17
N PHE A 314 4.41 22.08 -5.37
CA PHE A 314 5.73 21.57 -5.66
C PHE A 314 6.59 22.72 -6.18
N ASP A 315 7.78 22.87 -5.57
CA ASP A 315 8.75 23.87 -5.95
C ASP A 315 9.79 23.22 -6.84
N PRO A 316 9.87 23.57 -8.13
CA PRO A 316 10.82 22.88 -9.02
C PRO A 316 12.27 23.05 -8.62
N THR A 317 12.61 23.99 -7.75
CA THR A 317 13.99 24.15 -7.31
C THR A 317 14.30 23.36 -6.04
N GLU A 318 13.37 22.54 -5.56
CA GLU A 318 13.69 21.62 -4.48
C GLU A 318 14.76 20.62 -4.92
N ASP A 319 15.59 20.20 -3.98
CA ASP A 319 16.70 19.30 -4.27
C ASP A 319 16.23 17.83 -4.33
N VAL A 320 15.35 17.57 -5.28
CA VAL A 320 14.78 16.24 -5.52
C VAL A 320 14.66 16.02 -7.01
N PRO A 321 14.67 14.75 -7.47
CA PRO A 321 14.54 14.51 -8.91
C PRO A 321 13.18 14.90 -9.47
N ALA A 322 12.13 14.87 -8.63
CA ALA A 322 10.75 15.01 -9.05
C ALA A 322 9.91 14.97 -7.79
N PRO A 323 8.61 15.22 -7.87
CA PRO A 323 7.78 15.11 -6.66
C PRO A 323 7.88 13.70 -6.08
N LEU A 324 7.80 13.63 -4.75
CA LEU A 324 7.99 12.34 -4.09
C LEU A 324 7.00 11.32 -4.61
N GLY A 325 7.48 10.10 -4.85
CA GLY A 325 6.63 9.02 -5.31
C GLY A 325 6.48 8.92 -6.81
N THR A 326 7.01 9.89 -7.57
CA THR A 326 6.90 9.87 -9.02
C THR A 326 7.44 8.54 -9.55
N PRO A 327 6.80 7.93 -10.55
CA PRO A 327 7.35 6.70 -11.13
C PRO A 327 8.80 6.89 -11.54
N ASP A 328 9.60 5.85 -11.34
CA ASP A 328 11.04 5.93 -11.59
C ASP A 328 11.46 5.03 -12.74
N PHE A 329 10.57 4.78 -13.70
CA PHE A 329 10.91 3.90 -14.81
C PHE A 329 10.18 4.34 -16.06
N ILE A 330 10.69 3.89 -17.19
CA ILE A 330 10.08 4.15 -18.48
C ILE A 330 8.96 3.14 -18.71
N GLY A 331 7.78 3.62 -19.03
CA GLY A 331 6.65 2.73 -19.21
C GLY A 331 5.37 3.52 -19.34
N ASP A 332 4.29 2.80 -19.59
CA ASP A 332 2.95 3.37 -19.66
C ASP A 332 2.18 2.85 -18.45
N VAL A 333 2.10 3.68 -17.41
CA VAL A 333 1.51 3.28 -16.13
C VAL A 333 0.00 3.38 -16.23
N PHE A 334 -0.67 2.25 -16.01
CA PHE A 334 -2.12 2.18 -16.03
C PHE A 334 -2.70 2.35 -14.63
N GLY A 335 -3.77 3.12 -14.52
CA GLY A 335 -4.37 3.34 -13.23
C GLY A 335 -5.71 4.00 -13.34
N VAL A 336 -6.16 4.58 -12.21
CA VAL A 336 -7.45 5.25 -12.15
C VAL A 336 -7.23 6.72 -11.78
N LEU A 337 -7.75 7.60 -12.63
CA LEU A 337 -7.78 9.02 -12.36
C LEU A 337 -9.07 9.33 -11.60
N SER A 338 -8.96 9.83 -10.37
CA SER A 338 -10.15 10.19 -9.59
CA SER A 338 -10.14 10.19 -9.57
C SER A 338 -10.16 11.69 -9.30
N GLN A 339 -11.37 12.26 -9.25
CA GLN A 339 -11.55 13.68 -9.01
C GLN A 339 -12.64 13.88 -7.98
N ARG A 340 -12.43 14.85 -7.10
CA ARG A 340 -13.46 15.30 -6.16
C ARG A 340 -13.52 16.82 -6.26
N ASN A 341 -14.64 17.35 -6.74
CA ASN A 341 -14.71 18.79 -7.02
C ASN A 341 -14.49 19.62 -5.75
N ARG A 342 -14.01 20.85 -5.95
CA ARG A 342 -13.65 21.69 -4.81
C ARG A 342 -14.85 22.43 -4.21
N ASN A 343 -16.01 22.39 -4.84
CA ASN A 343 -17.19 23.02 -4.25
C ASN A 343 -18.38 22.07 -4.34
N THR A 344 -19.44 22.43 -3.62
CA THR A 344 -20.67 21.65 -3.52
C THR A 344 -21.83 22.46 -4.11
N ASP A 345 -22.57 21.87 -5.03
CA ASP A 345 -23.75 22.52 -5.59
C ASP A 345 -24.83 22.68 -4.51
N SER A 346 -25.57 23.78 -4.60
CA SER A 346 -26.63 24.04 -3.64
C SER A 346 -27.55 22.83 -3.50
N GLY A 347 -27.74 22.37 -2.26
CA GLY A 347 -28.61 21.25 -1.98
C GLY A 347 -28.01 19.87 -2.17
N GLN A 348 -26.84 19.75 -2.78
CA GLN A 348 -26.25 18.43 -2.99
C GLN A 348 -25.65 17.91 -1.70
N SER A 349 -25.53 16.58 -1.62
CA SER A 349 -25.01 15.93 -0.41
C SER A 349 -23.51 16.09 -0.25
N GLY A 350 -22.83 16.68 -1.22
CA GLY A 350 -21.42 16.93 -1.15
C GLY A 350 -20.89 17.21 -2.55
N PRO A 351 -19.57 17.24 -2.70
CA PRO A 351 -18.99 17.57 -4.01
C PRO A 351 -19.16 16.44 -5.01
N ALA A 352 -19.19 16.81 -6.29
CA ALA A 352 -19.28 15.83 -7.36
C ALA A 352 -17.98 15.05 -7.45
N ASN A 353 -18.08 13.81 -7.94
CA ASN A 353 -16.92 12.93 -8.09
C ASN A 353 -16.93 12.23 -9.44
N ARG A 354 -15.75 11.85 -9.92
CA ARG A 354 -15.69 10.96 -11.07
C ARG A 354 -14.35 10.26 -11.08
N SER A 355 -14.34 9.00 -11.49
CA SER A 355 -13.11 8.25 -11.66
C SER A 355 -13.15 7.53 -13.00
N HIS A 356 -11.99 7.48 -13.66
CA HIS A 356 -11.87 6.90 -14.98
C HIS A 356 -10.51 6.25 -15.17
N ASP A 357 -10.49 5.18 -15.94
CA ASP A 357 -9.24 4.58 -16.38
C ASP A 357 -8.36 5.63 -17.06
N ALA A 358 -7.06 5.54 -16.82
CA ALA A 358 -6.12 6.51 -17.37
C ALA A 358 -4.74 5.88 -17.50
N VAL A 359 -3.89 6.53 -18.29
CA VAL A 359 -2.50 6.09 -18.45
C VAL A 359 -1.60 7.31 -18.32
N VAL A 360 -0.53 7.15 -17.57
CA VAL A 360 0.52 8.15 -17.42
C VAL A 360 1.73 7.54 -18.11
N SER A 361 2.06 8.03 -19.29
CA SER A 361 3.23 7.53 -20.02
C SER A 361 4.46 8.29 -19.57
N THR A 362 5.42 7.59 -18.93
CA THR A 362 6.57 8.31 -18.43
C THR A 362 7.60 8.59 -19.52
N ARG A 363 7.37 8.11 -20.74
CA ARG A 363 8.29 8.37 -21.84
C ARG A 363 7.84 9.54 -22.71
N ASP A 364 6.65 10.07 -22.46
CA ASP A 364 6.08 11.15 -23.27
C ASP A 364 6.87 12.44 -23.08
N SER A 365 6.97 13.23 -24.15
CA SER A 365 7.66 14.51 -24.00
C SER A 365 6.96 15.42 -23.01
N ARG A 366 5.68 15.17 -22.71
CA ARG A 366 4.96 15.97 -21.73
C ARG A 366 5.07 15.41 -20.32
N PHE A 367 5.82 14.33 -20.14
CA PHE A 367 6.09 13.86 -18.78
C PHE A 367 7.21 14.72 -18.20
N THR A 368 6.82 15.79 -17.50
CA THR A 368 7.78 16.74 -16.92
C THR A 368 7.45 17.01 -15.46
N PRO A 369 7.40 15.96 -14.62
CA PRO A 369 6.99 16.18 -13.22
C PRO A 369 7.91 17.12 -12.47
N LYS A 370 9.21 17.09 -12.75
CA LYS A 370 10.14 18.02 -12.10
C LYS A 370 9.79 19.47 -12.43
N LEU A 371 9.15 19.72 -13.56
CA LEU A 371 8.71 21.05 -13.92
C LEU A 371 7.30 21.35 -13.43
N GLY A 372 6.63 20.35 -12.86
CA GLY A 372 5.34 20.56 -12.26
C GLY A 372 4.14 20.02 -13.02
N SER A 373 4.35 19.29 -14.12
CA SER A 373 3.18 18.79 -14.87
C SER A 373 3.51 17.50 -15.60
N VAL A 374 2.50 16.64 -15.74
CA VAL A 374 2.59 15.48 -16.62
C VAL A 374 1.35 15.47 -17.49
N MET A 375 1.35 14.63 -18.52
CA MET A 375 0.15 14.48 -19.32
C MET A 375 -0.45 13.13 -18.93
N ILE A 376 -1.76 13.12 -18.71
CA ILE A 376 -2.48 11.90 -18.36
C ILE A 376 -3.58 11.70 -19.39
N ALA A 377 -3.71 10.49 -19.92
CA ALA A 377 -4.60 10.22 -21.04
C ALA A 377 -5.74 9.31 -20.63
N THR A 378 -6.92 9.56 -21.19
CA THR A 378 -8.11 8.80 -20.84
C THR A 378 -8.83 8.19 -22.05
N TRP A 379 -8.18 8.14 -23.21
CA TRP A 379 -8.75 7.55 -24.44
C TRP A 379 -10.00 8.35 -24.79
N GLU A 380 -11.17 7.71 -24.98
CA GLU A 380 -12.34 8.42 -25.44
C GLU A 380 -13.10 9.13 -24.32
N THR A 381 -12.74 8.92 -23.06
CA THR A 381 -13.43 9.61 -21.98
C THR A 381 -13.11 11.09 -22.02
N SER A 382 -14.15 11.93 -22.19
CA SER A 382 -13.99 13.37 -22.24
C SER A 382 -14.44 14.06 -20.96
N ASP A 383 -14.94 13.28 -20.01
CA ASP A 383 -15.55 13.79 -18.77
C ASP A 383 -14.50 13.91 -17.65
N ILE A 384 -13.53 14.78 -17.90
CA ILE A 384 -12.48 15.09 -16.93
C ILE A 384 -12.53 16.59 -16.71
N GLN A 385 -12.70 17.01 -15.45
CA GLN A 385 -12.87 18.42 -15.15
C GLN A 385 -11.58 19.06 -14.63
N ASP A 386 -11.57 20.39 -14.65
CA ASP A 386 -10.46 21.15 -14.09
C ASP A 386 -10.67 21.20 -12.59
N GLN A 387 -10.31 20.10 -11.92
CA GLN A 387 -10.64 19.88 -10.52
C GLN A 387 -9.52 19.10 -9.85
N PRO A 388 -9.51 19.04 -8.51
CA PRO A 388 -8.49 18.25 -7.80
C PRO A 388 -8.51 16.79 -8.24
N THR A 389 -7.32 16.24 -8.43
CA THR A 389 -7.18 14.97 -9.13
C THR A 389 -6.11 14.13 -8.46
N ARG A 390 -6.38 12.83 -8.31
CA ARG A 390 -5.38 11.89 -7.85
CA ARG A 390 -5.37 11.88 -7.86
CA ARG A 390 -5.40 11.87 -7.83
C ARG A 390 -5.33 10.71 -8.83
N PHE A 391 -4.14 10.16 -9.00
CA PHE A 391 -3.93 8.99 -9.85
C PHE A 391 -3.52 7.81 -8.98
N THR A 392 -4.34 6.75 -8.98
CA THR A 392 -4.03 5.52 -8.27
C THR A 392 -3.41 4.54 -9.25
N PRO A 393 -2.15 4.15 -9.10
CA PRO A 393 -1.54 3.23 -10.07
C PRO A 393 -2.04 1.80 -9.87
N VAL A 394 -2.22 1.07 -10.96
CA VAL A 394 -2.65 -0.31 -10.90
C VAL A 394 -1.63 -1.24 -11.55
N GLY A 395 -1.07 -0.84 -12.70
CA GLY A 395 -0.11 -1.68 -13.39
C GLY A 395 0.42 -0.98 -14.62
N LEU A 396 0.68 -1.75 -15.68
CA LEU A 396 1.18 -1.23 -16.95
C LEU A 396 0.10 -1.39 -18.02
N GLU A 397 0.01 -0.42 -18.92
CA GLU A 397 -0.95 -0.56 -20.02
C GLU A 397 -0.65 -1.80 -20.84
N ASN A 398 0.62 -2.09 -21.03
CA ASN A 398 1.14 -3.20 -21.82
C ASN A 398 2.63 -3.21 -21.58
N PRO A 399 3.35 -4.23 -22.05
CA PRO A 399 4.80 -4.32 -21.82
C PRO A 399 5.67 -3.71 -22.91
N ASP A 400 5.06 -3.05 -23.91
CA ASP A 400 5.78 -2.74 -25.14
C ASP A 400 7.00 -1.88 -24.89
N HIS A 401 6.86 -0.81 -24.10
CA HIS A 401 7.94 0.13 -23.87
C HIS A 401 8.41 0.15 -22.43
N TYR A 402 8.05 -0.88 -21.65
CA TYR A 402 8.45 -0.93 -20.26
C TYR A 402 9.93 -1.28 -20.15
N ASN A 403 10.70 -0.45 -19.45
CA ASN A 403 12.06 -0.82 -19.06
C ASN A 403 12.24 -0.34 -17.64
N GLN A 404 12.23 -1.28 -16.67
CA GLN A 404 12.19 -0.88 -15.28
C GLN A 404 13.47 -0.19 -14.82
N TRP A 405 14.57 -0.32 -15.56
CA TRP A 405 15.83 0.27 -15.14
C TRP A 405 16.18 1.54 -15.89
N GLN A 406 15.40 1.94 -16.90
CA GLN A 406 15.61 3.22 -17.56
CA GLN A 406 15.61 3.22 -17.56
C GLN A 406 14.86 4.31 -16.81
N LEU A 407 15.59 5.38 -16.39
CA LEU A 407 14.90 6.46 -15.66
C LEU A 407 14.12 7.32 -16.65
N PRO A 408 12.96 7.84 -16.25
CA PRO A 408 12.30 8.87 -17.07
C PRO A 408 13.16 10.11 -17.07
N ASN A 409 12.90 10.99 -18.04
CA ASN A 409 13.45 12.34 -18.02
C ASN A 409 12.48 13.20 -17.25
N TYR A 410 12.81 13.47 -15.98
CA TYR A 410 11.84 14.15 -15.13
C TYR A 410 11.59 15.58 -15.57
N SER A 411 12.55 16.21 -16.25
CA SER A 411 12.32 17.57 -16.76
C SER A 411 12.07 17.59 -18.27
N GLY A 412 11.72 16.47 -18.86
CA GLY A 412 11.54 16.44 -20.31
C GLY A 412 12.84 16.45 -21.10
N ALA A 413 12.67 16.55 -22.42
CA ALA A 413 13.78 16.25 -23.33
C ALA A 413 14.85 17.33 -23.29
N LEU A 414 16.10 16.89 -23.35
CA LEU A 414 17.33 17.68 -23.40
C LEU A 414 17.77 18.24 -22.05
N THR A 415 17.07 17.95 -20.95
CA THR A 415 17.50 18.36 -19.62
C THR A 415 17.82 17.13 -18.79
N LEU A 416 18.99 17.12 -18.17
CA LEU A 416 19.41 15.97 -17.39
C LEU A 416 18.65 15.92 -16.06
N ASN A 417 18.54 14.71 -15.50
CA ASN A 417 17.98 14.54 -14.18
C ASN A 417 18.95 15.02 -13.11
N MET A 418 18.42 15.38 -11.95
CA MET A 418 19.25 15.81 -10.84
C MET A 418 18.77 15.17 -9.53
N GLY A 419 19.57 15.34 -8.47
CA GLY A 419 19.17 14.90 -7.14
C GLY A 419 19.05 13.40 -6.99
N LEU A 420 19.74 12.64 -7.83
CA LEU A 420 19.47 11.21 -7.97
C LEU A 420 20.06 10.41 -6.82
N ALA A 421 19.32 9.40 -6.36
CA ALA A 421 19.93 8.34 -5.58
C ALA A 421 21.00 7.65 -6.43
N PRO A 422 22.12 7.28 -5.85
CA PRO A 422 23.22 6.77 -6.67
C PRO A 422 22.92 5.40 -7.27
N SER A 423 23.56 5.13 -8.40
CA SER A 423 23.45 3.81 -9.00
CA SER A 423 23.49 3.81 -9.02
C SER A 423 24.13 2.78 -8.10
N VAL A 424 23.70 1.52 -8.23
CA VAL A 424 24.17 0.46 -7.36
C VAL A 424 24.73 -0.66 -8.23
N PHE A 425 25.83 -1.26 -7.77
CA PHE A 425 26.43 -2.36 -8.52
C PHE A 425 27.40 -3.07 -7.59
N PRO A 426 27.54 -4.39 -7.73
CA PRO A 426 28.51 -5.10 -6.88
C PRO A 426 29.94 -4.75 -7.26
N THR A 427 30.77 -4.52 -6.24
CA THR A 427 32.17 -4.21 -6.45
C THR A 427 33.09 -5.40 -6.20
N TYR A 428 32.59 -6.45 -5.55
CA TYR A 428 33.40 -7.61 -5.22
C TYR A 428 33.19 -8.71 -6.26
N PRO A 429 34.25 -9.26 -6.83
CA PRO A 429 34.07 -10.29 -7.86
C PRO A 429 33.17 -11.43 -7.39
N GLY A 430 32.28 -11.86 -8.28
CA GLY A 430 31.42 -12.99 -7.98
C GLY A 430 30.10 -12.64 -7.33
N GLU A 431 29.84 -11.36 -7.10
CA GLU A 431 28.60 -10.96 -6.44
C GLU A 431 27.60 -10.37 -7.42
N GLN A 432 26.32 -10.53 -7.09
CA GLN A 432 25.21 -9.94 -7.83
C GLN A 432 24.29 -9.23 -6.85
N ILE A 433 23.49 -8.31 -7.39
CA ILE A 433 22.46 -7.68 -6.55
C ILE A 433 21.37 -8.69 -6.26
N LEU A 434 20.83 -8.64 -5.05
CA LEU A 434 19.64 -9.39 -4.68
C LEU A 434 18.43 -8.47 -4.74
N PHE A 435 17.36 -8.90 -5.41
CA PHE A 435 16.18 -8.07 -5.63
C PHE A 435 14.98 -8.70 -4.96
N PHE A 436 14.03 -7.86 -4.58
CA PHE A 436 12.70 -8.31 -4.14
C PHE A 436 11.74 -8.07 -5.31
N ARG A 437 11.16 -9.16 -5.83
CA ARG A 437 10.46 -9.15 -7.11
C ARG A 437 8.96 -9.27 -6.93
N SER A 438 8.22 -8.44 -7.66
CA SER A 438 6.75 -8.47 -7.65
C SER A 438 6.24 -8.56 -9.09
N TYR A 439 5.23 -9.39 -9.30
CA TYR A 439 4.53 -9.35 -10.58
C TYR A 439 3.65 -8.09 -10.65
N ILE A 440 3.66 -7.42 -11.80
CA ILE A 440 2.93 -6.18 -11.99
C ILE A 440 1.86 -6.40 -13.04
N PRO A 441 0.60 -6.04 -12.80
CA PRO A 441 -0.47 -6.39 -13.75
C PRO A 441 -0.32 -5.66 -15.08
N LEU A 442 -0.89 -6.25 -16.13
CA LEU A 442 -0.92 -5.64 -17.45
C LEU A 442 -2.36 -5.46 -17.89
N LYS A 443 -2.67 -4.30 -18.45
CA LYS A 443 -4.02 -4.11 -18.98
C LYS A 443 -4.25 -5.00 -20.21
N GLY A 444 -3.21 -5.25 -20.98
CA GLY A 444 -3.29 -6.21 -22.08
C GLY A 444 -1.89 -6.54 -22.52
N GLY A 445 -1.79 -7.47 -23.48
CA GLY A 445 -0.51 -7.88 -24.01
C GLY A 445 -0.02 -9.20 -23.42
N TYR A 446 1.01 -9.73 -24.06
CA TYR A 446 1.66 -10.97 -23.65
C TYR A 446 2.87 -10.63 -22.80
N GLY A 447 2.99 -11.29 -21.66
CA GLY A 447 4.15 -11.15 -20.80
C GLY A 447 3.85 -11.49 -19.37
N ASP A 448 4.92 -11.78 -18.64
CA ASP A 448 4.85 -12.04 -17.20
C ASP A 448 5.56 -10.91 -16.48
N SER A 449 5.08 -9.69 -16.69
CA SER A 449 5.83 -8.51 -16.27
C SER A 449 6.02 -8.47 -14.76
N HIS A 450 7.15 -7.91 -14.35
CA HIS A 450 7.52 -7.84 -12.94
C HIS A 450 8.27 -6.53 -12.72
N ILE A 451 8.40 -6.17 -11.44
CA ILE A 451 9.21 -5.02 -11.05
C ILE A 451 9.99 -5.40 -9.80
N ASP A 452 11.27 -5.02 -9.78
CA ASP A 452 12.21 -5.38 -8.74
C ASP A 452 12.55 -4.18 -7.87
N CYS A 453 12.54 -4.36 -6.55
CA CYS A 453 13.05 -3.32 -5.67
C CYS A 453 14.27 -3.80 -4.88
N LEU A 454 15.03 -2.83 -4.36
CA LEU A 454 16.28 -3.13 -3.68
C LEU A 454 16.05 -3.54 -2.24
N VAL A 455 15.08 -2.90 -1.57
CA VAL A 455 14.61 -3.32 -0.25
C VAL A 455 13.11 -3.06 -0.17
N PRO A 456 12.41 -3.83 0.66
CA PRO A 456 10.96 -3.63 0.78
C PRO A 456 10.62 -2.32 1.46
N GLN A 457 9.41 -1.85 1.19
CA GLN A 457 8.95 -0.60 1.78
C GLN A 457 9.03 -0.64 3.30
N GLU A 458 8.73 -1.79 3.91
CA GLU A 458 8.81 -1.90 5.36
C GLU A 458 10.24 -1.73 5.87
N TRP A 459 11.26 -2.13 5.08
CA TRP A 459 12.63 -1.87 5.49
C TRP A 459 12.93 -0.38 5.47
N ILE A 460 12.42 0.32 4.46
CA ILE A 460 12.62 1.76 4.40
C ILE A 460 12.01 2.42 5.63
N GLN A 461 10.79 2.02 5.97
CA GLN A 461 10.14 2.60 7.15
C GLN A 461 10.91 2.27 8.42
N HIS A 462 11.50 1.07 8.48
CA HIS A 462 12.26 0.64 9.64
C HIS A 462 13.51 1.49 9.84
N PHE A 463 14.38 1.55 8.82
CA PHE A 463 15.58 2.36 8.93
C PHE A 463 15.24 3.82 9.22
N TYR A 464 14.23 4.36 8.52
CA TYR A 464 13.87 5.76 8.74
C TYR A 464 13.59 6.05 10.21
N GLN A 465 12.92 5.13 10.89
CA GLN A 465 12.61 5.36 12.30
C GLN A 465 13.82 5.07 13.18
N GLU A 466 14.54 3.98 12.88
CA GLU A 466 15.60 3.53 13.79
C GLU A 466 16.79 4.49 13.78
N SER A 467 17.20 4.95 12.60
CA SER A 467 18.39 5.80 12.47
C SER A 467 19.58 5.24 13.26
N ALA A 468 19.78 3.93 13.16
CA ALA A 468 20.92 3.31 13.83
C ALA A 468 22.21 3.64 13.07
N PRO A 469 23.26 4.08 13.76
CA PRO A 469 24.50 4.45 13.06
C PRO A 469 25.12 3.28 12.29
N SER A 470 25.56 3.56 11.07
CA SER A 470 26.27 2.56 10.28
C SER A 470 27.72 2.52 10.75
N GLN A 471 28.15 1.39 11.27
CA GLN A 471 29.49 1.31 11.83
C GLN A 471 30.54 1.10 10.75
N THR A 472 30.16 0.44 9.66
CA THR A 472 31.00 0.34 8.46
C THR A 472 30.10 0.55 7.25
N ASP A 473 30.67 0.38 6.06
CA ASP A 473 29.91 0.50 4.82
C ASP A 473 29.09 -0.76 4.49
N VAL A 474 29.26 -1.84 5.23
CA VAL A 474 28.63 -3.12 4.85
C VAL A 474 28.18 -3.84 6.11
N ALA A 475 26.88 -4.15 6.16
CA ALA A 475 26.31 -4.99 7.21
C ALA A 475 26.20 -6.44 6.71
N LEU A 476 26.70 -7.40 7.49
CA LEU A 476 26.50 -8.79 7.13
C LEU A 476 25.14 -9.24 7.64
N ILE A 477 24.29 -9.73 6.73
CA ILE A 477 22.97 -10.22 7.12
C ILE A 477 22.83 -11.67 6.69
N ARG A 478 22.08 -12.43 7.47
CA ARG A 478 21.88 -13.84 7.17
C ARG A 478 20.41 -14.14 7.10
N TYR A 479 20.02 -14.94 6.10
CA TYR A 479 18.63 -15.35 5.94
C TYR A 479 18.41 -16.59 6.79
N VAL A 480 17.40 -16.57 7.64
CA VAL A 480 17.23 -17.63 8.60
C VAL A 480 15.84 -18.21 8.49
N ASN A 481 15.73 -19.51 8.76
CA ASN A 481 14.45 -20.17 8.91
C ASN A 481 14.13 -20.16 10.41
N PRO A 482 13.15 -19.37 10.86
CA PRO A 482 12.90 -19.29 12.31
C PRO A 482 12.32 -20.56 12.90
N GLU A 483 11.73 -21.43 12.08
CA GLU A 483 11.20 -22.69 12.60
C GLU A 483 12.32 -23.66 12.95
N THR A 484 13.17 -23.98 11.97
CA THR A 484 14.30 -24.88 12.19
C THR A 484 15.46 -24.19 12.89
N GLY A 485 15.48 -22.86 12.97
CA GLY A 485 16.62 -22.12 13.46
C GLY A 485 17.80 -22.07 12.52
N ARG A 486 17.68 -22.65 11.33
CA ARG A 486 18.84 -22.83 10.46
C ARG A 486 19.08 -21.56 9.63
N VAL A 487 20.35 -21.17 9.56
CA VAL A 487 20.78 -20.09 8.67
C VAL A 487 20.91 -20.63 7.25
N LEU A 488 20.23 -19.98 6.31
CA LEU A 488 20.12 -20.47 4.94
C LEU A 488 21.18 -19.93 4.00
N PHE A 489 21.48 -18.63 4.06
CA PHE A 489 22.54 -18.06 3.24
C PHE A 489 22.92 -16.71 3.83
N GLU A 490 24.03 -16.16 3.37
CA GLU A 490 24.46 -14.87 3.88
C GLU A 490 24.58 -13.87 2.74
N ALA A 491 24.47 -12.59 3.09
CA ALA A 491 24.44 -11.52 2.11
C ALA A 491 25.07 -10.27 2.71
N LYS A 492 25.48 -9.37 1.83
CA LYS A 492 25.98 -8.06 2.25
C LYS A 492 24.88 -7.03 2.04
N LEU A 493 24.57 -6.28 3.10
CA LEU A 493 23.64 -5.15 3.05
C LEU A 493 24.45 -3.86 3.11
N HIS A 494 24.42 -3.11 2.01
CA HIS A 494 25.31 -1.95 1.81
C HIS A 494 24.72 -0.67 2.37
N ARG A 495 25.61 0.25 2.77
CA ARG A 495 25.21 1.53 3.35
C ARG A 495 24.17 2.25 2.50
N GLN A 496 24.30 2.19 1.19
CA GLN A 496 23.42 2.94 0.31
C GLN A 496 22.06 2.25 0.12
N GLY A 497 21.83 1.09 0.75
CA GLY A 497 20.51 0.48 0.79
C GLY A 497 20.23 -0.57 -0.28
N TYR A 498 21.15 -1.53 -0.46
CA TYR A 498 20.93 -2.63 -1.38
C TYR A 498 21.74 -3.82 -0.92
N ILE A 499 21.39 -4.99 -1.45
CA ILE A 499 21.94 -6.26 -1.00
C ILE A 499 22.70 -6.91 -2.13
N THR A 500 23.85 -7.50 -1.83
CA THR A 500 24.53 -8.34 -2.80
C THR A 500 24.74 -9.74 -2.23
N VAL A 501 24.82 -10.72 -3.13
CA VAL A 501 24.98 -12.13 -2.77
C VAL A 501 26.00 -12.76 -3.69
N ALA A 502 26.62 -13.84 -3.21
CA ALA A 502 27.60 -14.61 -3.97
C ALA A 502 26.86 -15.62 -4.83
N ARG A 503 26.58 -15.26 -6.07
CA ARG A 503 25.86 -16.14 -6.98
C ARG A 503 26.13 -15.66 -8.40
N SER A 504 26.23 -16.61 -9.32
CA SER A 504 26.36 -16.30 -10.74
C SER A 504 25.15 -16.87 -11.48
N GLY A 505 24.49 -16.02 -12.26
CA GLY A 505 23.35 -16.47 -13.07
C GLY A 505 22.02 -16.12 -12.42
N SER A 506 20.95 -16.61 -13.06
CA SER A 506 19.58 -16.19 -12.79
C SER A 506 18.69 -17.32 -12.26
N SER A 507 19.29 -18.42 -11.82
CA SER A 507 18.50 -19.56 -11.39
C SER A 507 17.72 -19.25 -10.11
N PRO A 508 16.68 -20.01 -9.83
CA PRO A 508 15.81 -19.68 -8.68
C PRO A 508 16.55 -19.65 -7.35
N ILE A 509 16.04 -18.81 -6.46
CA ILE A 509 16.48 -18.73 -5.07
C ILE A 509 15.51 -19.55 -4.24
N ASN A 510 15.94 -20.72 -3.80
CA ASN A 510 15.05 -21.68 -3.13
C ASN A 510 15.15 -21.45 -1.62
N VAL A 511 14.17 -20.74 -1.08
CA VAL A 511 14.10 -20.44 0.35
C VAL A 511 12.68 -20.71 0.83
N PRO A 512 12.52 -20.94 2.13
CA PRO A 512 11.17 -21.16 2.69
C PRO A 512 10.39 -19.86 2.85
N ALA A 513 9.06 -20.02 2.86
CA ALA A 513 8.22 -18.85 2.97
C ALA A 513 8.39 -18.12 4.29
N ASN A 514 8.81 -18.82 5.35
CA ASN A 514 8.90 -18.21 6.67
C ASN A 514 10.22 -17.48 6.90
N GLY A 515 11.11 -17.46 5.91
CA GLY A 515 12.47 -16.98 6.15
C GLY A 515 12.55 -15.47 6.19
N TYR A 516 13.54 -14.95 6.91
CA TYR A 516 13.81 -13.53 6.87
C TYR A 516 15.26 -13.27 7.21
N PHE A 517 15.71 -12.04 6.87
CA PHE A 517 17.08 -11.63 7.15
C PHE A 517 17.26 -11.18 8.59
N ARG A 518 18.48 -11.40 9.10
CA ARG A 518 18.87 -11.04 10.46
C ARG A 518 20.25 -10.41 10.41
N PHE A 519 20.40 -9.22 10.98
CA PHE A 519 21.71 -8.58 11.04
C PHE A 519 22.65 -9.38 11.93
N ASP A 520 23.86 -9.63 11.45
CA ASP A 520 24.89 -10.36 12.20
C ASP A 520 25.98 -9.42 12.72
N SER A 521 26.60 -8.67 11.82
CA SER A 521 27.77 -7.87 12.22
C SER A 521 28.11 -6.91 11.09
N TRP A 522 28.93 -5.91 11.43
CA TRP A 522 29.48 -4.98 10.44
C TRP A 522 30.77 -5.53 9.86
N VAL A 523 30.86 -5.54 8.53
CA VAL A 523 32.04 -6.06 7.85
C VAL A 523 32.52 -4.99 6.86
N ASN A 524 33.29 -5.37 5.85
CA ASN A 524 33.72 -4.40 4.84
C ASN A 524 33.43 -4.95 3.44
N GLN A 525 33.76 -4.13 2.43
CA GLN A 525 33.44 -4.48 1.05
C GLN A 525 34.16 -5.73 0.59
N PHE A 526 35.21 -6.15 1.31
CA PHE A 526 36.01 -7.29 0.91
C PHE A 526 35.61 -8.58 1.63
N TYR A 527 34.54 -8.56 2.41
CA TYR A 527 34.11 -9.79 3.05
C TYR A 527 33.72 -10.82 2.00
N SER A 528 34.21 -12.05 2.18
CA SER A 528 33.96 -13.13 1.23
C SER A 528 32.73 -13.92 1.66
N LEU A 529 31.63 -13.76 0.92
CA LEU A 529 30.39 -14.46 1.23
C LEU A 529 30.47 -15.93 0.81
N ALA A 530 29.86 -16.80 1.61
CA ALA A 530 29.64 -18.18 1.17
C ALA A 530 28.75 -18.18 -0.07
N PRO A 531 28.97 -19.09 -1.01
CA PRO A 531 28.10 -19.12 -2.19
C PRO A 531 26.65 -19.32 -1.78
N MET A 532 25.77 -18.43 -2.26
CA MET A 532 24.34 -18.62 -2.15
C MET A 532 23.86 -19.68 -3.13
N LYS B 225 13.06 -4.05 24.87
CA LYS B 225 12.04 -3.96 23.84
C LYS B 225 10.64 -3.91 24.45
N PRO B 226 10.49 -3.17 25.54
CA PRO B 226 9.16 -2.99 26.10
C PRO B 226 8.27 -2.25 25.11
N PHE B 227 6.98 -2.22 25.45
CA PHE B 227 5.97 -1.74 24.51
C PHE B 227 6.30 -0.36 23.96
N SER B 228 6.05 -0.18 22.66
CA SER B 228 6.31 1.06 21.95
C SER B 228 5.36 1.15 20.75
N VAL B 229 5.15 2.37 20.27
CA VAL B 229 4.44 2.57 19.01
C VAL B 229 5.40 3.25 18.03
N PRO B 230 5.13 3.17 16.71
CA PRO B 230 6.02 3.80 15.74
C PRO B 230 6.07 5.30 15.94
N ILE B 231 7.14 5.91 15.42
CA ILE B 231 7.29 7.36 15.49
C ILE B 231 6.91 8.03 14.17
N LEU B 232 6.34 7.28 13.23
CA LEU B 232 5.90 7.86 11.96
C LEU B 232 4.75 8.83 12.17
N THR B 233 4.73 9.89 11.36
CA THR B 233 3.63 10.85 11.39
C THR B 233 2.44 10.30 10.62
N ILE B 234 1.25 10.89 10.83
CA ILE B 234 0.13 10.35 10.07
C ILE B 234 0.35 10.56 8.58
N GLY B 235 1.05 11.63 8.20
CA GLY B 235 1.47 11.83 6.83
C GLY B 235 2.47 10.82 6.32
N GLU B 236 2.95 9.91 7.18
CA GLU B 236 3.89 8.89 6.78
C GLU B 236 3.31 7.49 6.93
N MET B 237 2.03 7.35 7.30
CA MET B 237 1.53 5.98 7.27
C MET B 237 0.24 5.81 6.46
N THR B 238 -0.35 4.63 6.59
CA THR B 238 -1.35 4.14 5.66
C THR B 238 -2.55 3.63 6.44
N ASN B 239 -3.75 3.88 5.91
CA ASN B 239 -4.97 3.33 6.49
C ASN B 239 -4.93 1.80 6.48
N SER B 240 -5.39 1.19 7.58
CA SER B 240 -5.38 -0.26 7.69
C SER B 240 -6.67 -0.91 7.19
N ARG B 241 -7.66 -0.12 6.77
CA ARG B 241 -8.91 -0.69 6.25
C ARG B 241 -9.09 -0.50 4.75
N PHE B 242 -8.24 0.31 4.11
CA PHE B 242 -8.26 0.51 2.67
C PHE B 242 -6.91 1.12 2.33
N PRO B 243 -6.29 0.76 1.22
CA PRO B 243 -4.92 1.23 0.98
C PRO B 243 -4.85 2.69 0.56
N LEU B 244 -4.77 3.57 1.55
CA LEU B 244 -4.91 5.01 1.39
C LEU B 244 -3.97 5.72 2.34
N PRO B 245 -3.44 6.87 1.95
CA PRO B 245 -2.80 7.75 2.93
C PRO B 245 -3.79 8.17 4.00
N ILE B 246 -3.28 8.53 5.18
CA ILE B 246 -4.12 9.02 6.28
C ILE B 246 -4.14 10.54 6.25
N ASP B 247 -5.34 11.11 6.26
CA ASP B 247 -5.48 12.55 6.09
C ASP B 247 -5.59 13.32 7.39
N MET B 248 -6.20 12.76 8.43
CA MET B 248 -6.33 13.49 9.67
C MET B 248 -6.66 12.53 10.80
N LEU B 249 -6.49 13.02 12.03
CA LEU B 249 -7.14 12.39 13.18
C LEU B 249 -8.59 12.89 13.28
N TYR B 250 -9.46 12.03 13.82
CA TYR B 250 -10.87 12.38 13.91
C TYR B 250 -11.51 11.68 15.10
N THR B 251 -12.40 12.38 15.78
CA THR B 251 -13.16 11.75 16.85
C THR B 251 -14.60 12.23 16.81
N SER B 252 -15.50 11.38 17.30
CA SER B 252 -16.91 11.77 17.40
C SER B 252 -17.62 10.80 18.34
N PRO B 253 -18.82 11.15 18.81
CA PRO B 253 -19.63 10.19 19.54
C PRO B 253 -19.94 9.01 18.66
N THR B 254 -20.04 7.82 19.27
CA THR B 254 -20.42 6.62 18.50
C THR B 254 -21.44 5.78 19.26
N GLU B 255 -22.21 6.38 20.17
CA GLU B 255 -23.07 5.56 21.02
C GLU B 255 -24.14 4.83 20.21
N ASN B 256 -24.55 5.37 19.07
CA ASN B 256 -25.58 4.74 18.23
C ASN B 256 -24.99 3.94 17.07
N ILE B 257 -23.68 3.63 17.11
CA ILE B 257 -22.99 2.92 16.05
C ILE B 257 -22.29 1.72 16.69
N VAL B 258 -22.21 0.60 15.98
CA VAL B 258 -21.37 -0.51 16.42
C VAL B 258 -20.07 -0.48 15.62
N VAL B 259 -18.97 -0.24 16.31
CA VAL B 259 -17.66 -0.13 15.68
C VAL B 259 -17.03 -1.51 15.79
N GLN B 260 -17.11 -2.30 14.71
CA GLN B 260 -16.55 -3.64 14.73
CA GLN B 260 -16.56 -3.64 14.72
C GLN B 260 -15.81 -3.96 13.43
N PRO B 261 -14.90 -3.09 12.98
CA PRO B 261 -14.12 -3.42 11.78
C PRO B 261 -13.34 -4.70 11.96
N GLN B 262 -13.03 -5.35 10.83
CA GLN B 262 -12.32 -6.61 10.82
C GLN B 262 -10.95 -6.52 10.18
N ASN B 263 -10.67 -5.47 9.41
CA ASN B 263 -9.32 -5.16 8.99
C ASN B 263 -8.75 -4.09 9.93
N GLY B 264 -7.42 -4.00 9.96
CA GLY B 264 -6.79 -3.10 10.92
C GLY B 264 -7.00 -3.45 12.37
N ARG B 265 -7.06 -4.75 12.69
CA ARG B 265 -7.31 -5.20 14.06
C ARG B 265 -6.11 -6.02 14.55
N CYS B 266 -5.53 -5.58 15.66
CA CYS B 266 -4.35 -6.24 16.20
C CYS B 266 -4.26 -5.90 17.69
N THR B 267 -4.02 -6.88 18.53
CA THR B 267 -3.80 -6.56 19.94
C THR B 267 -2.42 -5.91 20.13
N LEU B 268 -2.25 -5.26 21.28
CA LEU B 268 -0.96 -4.62 21.51
C LEU B 268 0.17 -5.62 21.63
N GLU B 269 -0.13 -6.90 21.85
CA GLU B 269 0.88 -7.96 21.86
C GLU B 269 1.15 -8.53 20.47
N GLY B 270 0.49 -8.00 19.44
CA GLY B 270 0.80 -8.42 18.09
C GLY B 270 -0.03 -9.57 17.57
N GLU B 271 -1.18 -9.86 18.17
CA GLU B 271 -2.10 -10.88 17.67
C GLU B 271 -3.03 -10.25 16.64
N LEU B 272 -2.90 -10.64 15.38
CA LEU B 272 -3.81 -10.18 14.34
C LEU B 272 -5.20 -10.77 14.57
N LEU B 273 -6.23 -9.94 14.34
CA LEU B 273 -7.62 -10.33 14.59
C LEU B 273 -8.46 -10.16 13.33
N GLY B 274 -9.66 -10.74 13.35
CA GLY B 274 -10.55 -10.55 12.21
C GLY B 274 -9.93 -11.06 10.92
N THR B 275 -10.01 -10.25 9.85
CA THR B 275 -9.42 -10.58 8.56
C THR B 275 -8.08 -9.87 8.35
N THR B 276 -7.48 -9.38 9.43
CA THR B 276 -6.32 -8.51 9.28
C THR B 276 -5.10 -9.29 8.81
N GLN B 277 -4.36 -8.70 7.86
CA GLN B 277 -3.09 -9.23 7.38
C GLN B 277 -2.12 -8.06 7.19
N LEU B 278 -0.88 -8.38 6.83
CA LEU B 278 0.19 -7.40 6.97
C LEU B 278 0.52 -6.63 5.70
N VAL B 279 0.08 -7.10 4.54
CA VAL B 279 0.47 -6.50 3.25
C VAL B 279 -0.51 -5.39 2.86
N THR B 280 -0.01 -4.16 2.78
CA THR B 280 -0.91 -3.03 2.53
C THR B 280 -1.70 -3.20 1.24
N PRO B 281 -1.10 -3.52 0.10
CA PRO B 281 -1.90 -3.64 -1.13
C PRO B 281 -2.84 -4.84 -1.13
N ASN B 282 -2.81 -5.69 -0.11
CA ASN B 282 -3.78 -6.78 -0.02
C ASN B 282 -5.01 -6.39 0.81
N ILE B 283 -5.05 -5.18 1.36
CA ILE B 283 -6.22 -4.72 2.08
C ILE B 283 -7.34 -4.47 1.07
N CYS B 284 -8.44 -5.22 1.19
CA CYS B 284 -9.58 -5.14 0.27
C CYS B 284 -9.26 -5.64 -1.12
N ALA B 285 -8.16 -6.35 -1.27
CA ALA B 285 -7.86 -7.07 -2.50
C ALA B 285 -8.50 -8.45 -2.45
N LEU B 286 -8.67 -9.03 -3.62
CA LEU B 286 -9.16 -10.40 -3.71
C LEU B 286 -8.28 -11.12 -4.74
N ARG B 287 -7.99 -12.39 -4.48
CA ARG B 287 -7.16 -13.19 -5.39
C ARG B 287 -7.82 -14.53 -5.57
N GLY B 288 -7.71 -15.08 -6.78
CA GLY B 288 -8.31 -16.37 -7.04
C GLY B 288 -8.45 -16.65 -8.52
N GLU B 289 -9.58 -17.25 -8.91
CA GLU B 289 -9.85 -17.63 -10.29
C GLU B 289 -11.28 -17.28 -10.63
N ILE B 290 -11.51 -16.79 -11.85
CA ILE B 290 -12.87 -16.67 -12.37
C ILE B 290 -13.32 -18.02 -12.91
N ARG B 291 -14.56 -18.41 -12.61
CA ARG B 291 -15.12 -19.67 -13.13
C ARG B 291 -16.51 -19.36 -13.68
N GLY B 292 -16.53 -18.79 -14.87
CA GLY B 292 -17.76 -18.51 -15.57
C GLY B 292 -18.59 -17.40 -14.94
N HIS B 293 -19.81 -17.29 -15.43
CA HIS B 293 -20.69 -16.23 -14.97
C HIS B 293 -21.37 -16.61 -13.67
N GLU B 294 -21.82 -15.58 -12.96
CA GLU B 294 -22.61 -15.74 -11.75
C GLU B 294 -24.07 -15.91 -12.15
N GLY B 295 -24.65 -17.06 -11.82
CA GLY B 295 -26.01 -17.34 -12.27
C GLY B 295 -26.11 -17.29 -13.79
N SER B 296 -27.24 -16.79 -14.26
CA SER B 296 -27.53 -16.73 -15.69
C SER B 296 -28.20 -15.41 -16.02
N GLY B 297 -28.14 -15.03 -17.30
CA GLY B 297 -28.86 -13.87 -17.77
C GLY B 297 -28.21 -12.53 -17.53
N ASP B 298 -27.03 -12.49 -16.93
CA ASP B 298 -26.29 -11.23 -16.77
C ASP B 298 -24.82 -11.49 -17.10
N ASN B 299 -24.40 -11.11 -18.31
CA ASN B 299 -23.01 -11.30 -18.73
C ASN B 299 -22.06 -10.30 -18.09
N HIS B 300 -22.55 -9.41 -17.24
CA HIS B 300 -21.70 -8.48 -16.50
C HIS B 300 -21.20 -9.07 -15.19
N LYS B 301 -21.76 -10.19 -14.75
CA LYS B 301 -21.50 -10.73 -13.41
C LYS B 301 -20.73 -12.04 -13.52
N TRP B 302 -19.62 -12.13 -12.81
CA TRP B 302 -18.72 -13.27 -12.90
C TRP B 302 -18.59 -13.94 -11.53
N HIS B 303 -18.42 -15.26 -11.57
CA HIS B 303 -18.22 -16.09 -10.37
C HIS B 303 -16.74 -16.10 -10.04
N PHE B 304 -16.37 -15.50 -8.91
CA PHE B 304 -14.97 -15.27 -8.55
C PHE B 304 -14.66 -16.20 -7.38
N MET B 305 -13.93 -17.29 -7.65
CA MET B 305 -13.54 -18.23 -6.62
CA MET B 305 -13.54 -18.24 -6.61
C MET B 305 -12.35 -17.65 -5.86
N VAL B 306 -12.54 -17.28 -4.57
CA VAL B 306 -11.51 -16.56 -3.84
C VAL B 306 -10.66 -17.52 -3.01
N ARG B 307 -9.42 -17.11 -2.83
CA ARG B 307 -8.34 -17.88 -2.27
C ARG B 307 -7.62 -16.98 -1.28
N SER B 308 -6.72 -17.56 -0.49
CA SER B 308 -5.97 -16.75 0.46
C SER B 308 -4.87 -15.95 -0.25
N PRO B 309 -4.48 -14.80 0.31
CA PRO B 309 -3.46 -13.97 -0.37
C PRO B 309 -2.15 -14.67 -0.65
N ASN B 310 -1.81 -15.71 0.13
CA ASN B 310 -0.55 -16.41 -0.09
C ASN B 310 -0.65 -17.51 -1.12
N GLY B 311 -1.81 -17.67 -1.76
CA GLY B 311 -2.00 -18.69 -2.77
C GLY B 311 -2.63 -19.97 -2.26
N ALA B 312 -2.61 -20.21 -0.95
CA ALA B 312 -3.25 -21.41 -0.42
C ALA B 312 -4.76 -21.35 -0.66
N ALA B 313 -5.34 -22.52 -0.89
CA ALA B 313 -6.79 -22.61 -0.90
C ALA B 313 -7.35 -22.13 0.43
N PHE B 314 -8.49 -21.44 0.39
CA PHE B 314 -9.14 -20.99 1.60
C PHE B 314 -9.98 -22.14 2.15
N ASP B 315 -9.80 -22.44 3.44
CA ASP B 315 -10.59 -23.46 4.12
C ASP B 315 -11.74 -22.75 4.83
N PRO B 316 -12.98 -22.94 4.39
CA PRO B 316 -14.12 -22.27 5.06
C PRO B 316 -14.29 -22.66 6.52
N THR B 317 -13.66 -23.74 6.98
CA THR B 317 -13.77 -24.13 8.38
C THR B 317 -12.73 -23.46 9.28
N GLU B 318 -11.79 -22.70 8.71
CA GLU B 318 -10.85 -21.93 9.53
C GLU B 318 -11.59 -20.88 10.35
N ASP B 319 -11.05 -20.55 11.52
CA ASP B 319 -11.79 -19.75 12.51
C ASP B 319 -11.63 -18.25 12.27
N VAL B 320 -11.83 -17.83 11.02
CA VAL B 320 -11.68 -16.43 10.61
C VAL B 320 -12.98 -16.02 9.93
N PRO B 321 -13.25 -14.72 9.85
CA PRO B 321 -14.53 -14.32 9.24
C PRO B 321 -14.61 -14.59 7.75
N ALA B 322 -13.46 -14.64 7.08
CA ALA B 322 -13.39 -14.63 5.63
C ALA B 322 -11.92 -14.65 5.24
N PRO B 323 -11.58 -14.73 3.96
CA PRO B 323 -10.17 -14.71 3.58
C PRO B 323 -9.52 -13.41 4.02
N LEU B 324 -8.24 -13.50 4.39
CA LEU B 324 -7.56 -12.31 4.90
C LEU B 324 -7.66 -11.17 3.90
N GLY B 325 -7.88 -9.96 4.43
CA GLY B 325 -7.98 -8.78 3.60
C GLY B 325 -9.35 -8.52 3.00
N THR B 326 -10.29 -9.45 3.13
CA THR B 326 -11.63 -9.23 2.59
C THR B 326 -12.17 -7.89 3.06
N PRO B 327 -12.89 -7.13 2.22
CA PRO B 327 -13.48 -5.87 2.69
C PRO B 327 -14.38 -6.13 3.90
N ASP B 328 -14.36 -5.19 4.85
CA ASP B 328 -15.07 -5.33 6.12
C ASP B 328 -16.19 -4.30 6.27
N PHE B 329 -16.75 -3.84 5.16
CA PHE B 329 -17.82 -2.87 5.22
C PHE B 329 -18.80 -3.13 4.08
N ILE B 330 -20.00 -2.61 4.26
CA ILE B 330 -21.05 -2.65 3.25
C ILE B 330 -20.79 -1.55 2.23
N GLY B 331 -20.74 -1.91 0.96
CA GLY B 331 -20.45 -0.93 -0.06
C GLY B 331 -20.20 -1.60 -1.39
N ASP B 332 -20.03 -0.77 -2.40
CA ASP B 332 -19.73 -1.23 -3.74
C ASP B 332 -18.29 -0.82 -4.01
N VAL B 333 -17.37 -1.78 -3.89
CA VAL B 333 -15.94 -1.47 -3.98
C VAL B 333 -15.53 -1.48 -5.45
N PHE B 334 -15.02 -0.33 -5.91
CA PHE B 334 -14.57 -0.17 -7.29
C PHE B 334 -13.08 -0.45 -7.39
N GLY B 335 -12.68 -1.07 -8.48
CA GLY B 335 -11.27 -1.37 -8.66
C GLY B 335 -11.04 -1.98 -10.03
N VAL B 336 -9.91 -2.68 -10.15
CA VAL B 336 -9.50 -3.27 -11.42
C VAL B 336 -9.33 -4.77 -11.25
N LEU B 337 -9.99 -5.53 -12.11
CA LEU B 337 -9.83 -6.96 -12.21
C LEU B 337 -8.71 -7.24 -13.21
N SER B 338 -7.65 -7.92 -12.79
CA SER B 338 -6.53 -8.25 -13.68
CA SER B 338 -6.56 -8.25 -13.71
C SER B 338 -6.38 -9.77 -13.81
N GLN B 339 -6.08 -10.24 -15.01
CA GLN B 339 -5.88 -11.66 -15.24
C GLN B 339 -4.55 -11.86 -15.94
N ARG B 340 -3.84 -12.93 -15.56
CA ARG B 340 -2.67 -13.42 -16.28
C ARG B 340 -2.87 -14.93 -16.49
N ASN B 341 -2.96 -15.35 -17.74
CA ASN B 341 -3.25 -16.75 -18.05
C ASN B 341 -2.18 -17.67 -17.48
N ARG B 342 -2.58 -18.90 -17.16
CA ARG B 342 -1.68 -19.81 -16.50
C ARG B 342 -0.67 -20.46 -17.45
N ASN B 343 -0.89 -20.37 -18.75
CA ASN B 343 0.00 -20.96 -19.74
C ASN B 343 0.44 -19.91 -20.75
N THR B 344 1.59 -20.15 -21.38
CA THR B 344 2.08 -19.35 -22.50
C THR B 344 1.84 -20.12 -23.81
N ASP B 345 1.17 -19.50 -24.77
CA ASP B 345 1.00 -20.11 -26.09
C ASP B 345 2.36 -20.34 -26.73
N SER B 346 2.50 -21.45 -27.45
CA SER B 346 3.64 -21.59 -28.35
C SER B 346 3.67 -20.41 -29.32
N GLY B 347 4.83 -19.81 -29.48
CA GLY B 347 4.96 -18.67 -30.36
C GLY B 347 4.84 -17.33 -29.69
N GLN B 348 4.38 -17.27 -28.44
CA GLN B 348 4.37 -16.04 -27.69
C GLN B 348 5.45 -16.07 -26.62
N SER B 349 5.91 -14.89 -26.23
CA SER B 349 6.98 -14.78 -25.25
C SER B 349 6.48 -14.86 -23.81
N GLY B 350 5.17 -14.75 -23.59
CA GLY B 350 4.65 -14.87 -22.25
C GLY B 350 3.15 -15.07 -22.25
N PRO B 351 2.56 -15.16 -21.05
CA PRO B 351 1.11 -15.38 -20.95
C PRO B 351 0.30 -14.17 -21.37
N ALA B 352 -0.91 -14.44 -21.84
CA ALA B 352 -1.84 -13.34 -22.15
C ALA B 352 -2.33 -12.68 -20.87
N ASN B 353 -2.64 -11.39 -20.97
CA ASN B 353 -3.16 -10.58 -19.86
C ASN B 353 -4.38 -9.78 -20.29
N ARG B 354 -5.26 -9.49 -19.33
CA ARG B 354 -6.28 -8.47 -19.53
C ARG B 354 -6.66 -7.88 -18.18
N SER B 355 -6.98 -6.58 -18.16
CA SER B 355 -7.48 -5.92 -16.95
C SER B 355 -8.70 -5.08 -17.31
N HIS B 356 -9.71 -5.11 -16.44
CA HIS B 356 -10.95 -4.39 -16.66
C HIS B 356 -11.46 -3.79 -15.36
N ASP B 357 -12.08 -2.61 -15.48
CA ASP B 357 -12.78 -2.04 -14.34
C ASP B 357 -13.77 -3.05 -13.78
N ALA B 358 -13.94 -3.03 -12.47
CA ALA B 358 -14.78 -4.03 -11.83
C ALA B 358 -15.33 -3.45 -10.53
N VAL B 359 -16.46 -4.03 -10.07
CA VAL B 359 -17.05 -3.71 -8.78
C VAL B 359 -17.28 -5.00 -8.01
N VAL B 360 -16.88 -5.01 -6.74
CA VAL B 360 -17.20 -6.07 -5.81
C VAL B 360 -18.22 -5.48 -4.84
N SER B 361 -19.49 -5.87 -4.97
CA SER B 361 -20.54 -5.35 -4.10
C SER B 361 -20.62 -6.25 -2.86
N THR B 362 -20.27 -5.70 -1.69
CA THR B 362 -20.26 -6.53 -0.50
C THR B 362 -21.65 -6.71 0.09
N ARG B 363 -22.66 -6.06 -0.48
CA ARG B 363 -24.02 -6.27 -0.05
C ARG B 363 -24.77 -7.27 -0.90
N ASP B 364 -24.18 -7.74 -1.99
CA ASP B 364 -24.83 -8.68 -2.88
C ASP B 364 -25.10 -10.01 -2.19
N SER B 365 -26.22 -10.66 -2.58
CA SER B 365 -26.50 -11.99 -2.05
C SER B 365 -25.42 -13.00 -2.42
N ARG B 366 -24.66 -12.76 -3.49
CA ARG B 366 -23.61 -13.67 -3.91
C ARG B 366 -22.25 -13.26 -3.35
N PHE B 367 -22.20 -12.30 -2.43
CA PHE B 367 -20.95 -12.00 -1.74
C PHE B 367 -20.82 -12.99 -0.59
N THR B 368 -20.15 -14.10 -0.84
CA THR B 368 -20.00 -15.17 0.14
C THR B 368 -18.56 -15.59 0.26
N PRO B 369 -17.65 -14.64 0.56
CA PRO B 369 -16.23 -15.00 0.60
C PRO B 369 -15.88 -16.07 1.63
N LYS B 370 -16.61 -16.11 2.76
CA LYS B 370 -16.39 -17.17 3.74
C LYS B 370 -16.69 -18.55 3.16
N LEU B 371 -17.57 -18.62 2.16
CA LEU B 371 -17.85 -19.88 1.48
C LEU B 371 -16.95 -20.10 0.27
N GLY B 372 -16.07 -19.15 -0.04
CA GLY B 372 -15.09 -19.33 -1.10
C GLY B 372 -15.37 -18.60 -2.41
N SER B 373 -16.40 -17.74 -2.47
CA SER B 373 -16.68 -17.06 -3.75
C SER B 373 -17.35 -15.72 -3.52
N VAL B 374 -17.13 -14.80 -4.46
CA VAL B 374 -17.90 -13.56 -4.52
C VAL B 374 -18.36 -13.37 -5.95
N MET B 375 -19.33 -12.49 -6.14
CA MET B 375 -19.69 -12.08 -7.49
C MET B 375 -18.93 -10.79 -7.78
N ILE B 376 -18.24 -10.74 -8.93
CA ILE B 376 -17.57 -9.52 -9.37
C ILE B 376 -18.21 -9.08 -10.68
N ALA B 377 -18.48 -7.78 -10.79
CA ALA B 377 -19.22 -7.23 -11.91
C ALA B 377 -18.28 -6.35 -12.74
N THR B 378 -18.44 -6.41 -14.05
CA THR B 378 -17.62 -5.63 -14.96
C THR B 378 -18.54 -4.91 -15.93
N TRP B 379 -17.99 -3.87 -16.56
CA TRP B 379 -18.69 -3.27 -17.68
C TRP B 379 -18.40 -4.04 -18.97
N GLU B 380 -17.15 -4.47 -19.14
CA GLU B 380 -16.81 -5.51 -20.10
C GLU B 380 -17.72 -6.71 -19.95
N THR B 381 -18.20 -7.21 -21.08
CA THR B 381 -19.21 -8.26 -21.03
C THR B 381 -18.71 -9.59 -21.58
N SER B 382 -17.49 -9.65 -22.12
CA SER B 382 -17.03 -10.90 -22.73
C SER B 382 -15.57 -11.22 -22.46
N ASP B 383 -14.71 -10.20 -22.42
CA ASP B 383 -13.25 -10.39 -22.35
C ASP B 383 -12.77 -10.75 -20.93
N ILE B 384 -13.35 -11.83 -20.39
CA ILE B 384 -12.97 -12.34 -19.07
C ILE B 384 -12.89 -13.87 -19.16
N GLN B 385 -11.74 -14.43 -18.82
CA GLN B 385 -11.50 -15.86 -18.97
C GLN B 385 -11.51 -16.57 -17.62
N ASP B 386 -11.54 -17.91 -17.66
CA ASP B 386 -11.48 -18.70 -16.43
C ASP B 386 -10.00 -18.89 -16.07
N GLN B 387 -9.39 -17.79 -15.62
CA GLN B 387 -7.96 -17.71 -15.42
C GLN B 387 -7.66 -17.06 -14.06
N PRO B 388 -6.42 -17.19 -13.58
CA PRO B 388 -6.02 -16.52 -12.33
C PRO B 388 -6.30 -15.03 -12.39
N THR B 389 -6.87 -14.52 -11.30
CA THR B 389 -7.47 -13.19 -11.30
C THR B 389 -7.15 -12.51 -9.98
N ARG B 390 -6.85 -11.22 -10.04
CA ARG B 390 -6.70 -10.44 -8.82
C ARG B 390 -7.50 -9.14 -8.96
N PHE B 391 -8.08 -8.70 -7.86
CA PHE B 391 -8.82 -7.44 -7.80
C PHE B 391 -7.99 -6.43 -7.02
N THR B 392 -7.63 -5.31 -7.66
CA THR B 392 -6.96 -4.18 -7.01
C THR B 392 -8.01 -3.18 -6.60
N PRO B 393 -8.19 -2.91 -5.31
CA PRO B 393 -9.21 -1.92 -4.90
C PRO B 393 -8.72 -0.50 -5.19
N VAL B 394 -9.66 0.38 -5.51
CA VAL B 394 -9.31 1.78 -5.81
C VAL B 394 -10.19 2.73 -5.00
N GLY B 395 -11.47 2.40 -4.86
CA GLY B 395 -12.38 3.26 -4.15
C GLY B 395 -13.75 2.65 -4.06
N LEU B 396 -14.78 3.50 -4.06
CA LEU B 396 -16.18 3.08 -4.05
C LEU B 396 -16.83 3.46 -5.37
N GLU B 397 -17.75 2.63 -5.82
CA GLU B 397 -18.46 2.95 -7.06
C GLU B 397 -19.26 4.25 -6.89
N ASN B 398 -19.85 4.45 -5.73
CA ASN B 398 -20.60 5.65 -5.39
C ASN B 398 -20.91 5.54 -3.90
N PRO B 399 -21.49 6.57 -3.29
CA PRO B 399 -21.73 6.52 -1.84
C PRO B 399 -23.12 6.00 -1.45
N ASP B 400 -23.93 5.58 -2.42
CA ASP B 400 -25.36 5.33 -2.17
C ASP B 400 -25.57 4.31 -1.05
N HIS B 401 -24.86 3.20 -1.10
CA HIS B 401 -25.08 2.11 -0.15
C HIS B 401 -23.91 1.89 0.77
N TYR B 402 -22.97 2.82 0.82
CA TYR B 402 -21.78 2.66 1.64
C TYR B 402 -22.10 2.91 3.10
N ASN B 403 -21.75 1.96 3.97
CA ASN B 403 -21.80 2.17 5.42
C ASN B 403 -20.56 1.50 6.00
N GLN B 404 -19.57 2.32 6.39
CA GLN B 404 -18.28 1.76 6.77
C GLN B 404 -18.34 0.95 8.06
N TRP B 405 -19.38 1.11 8.87
CA TRP B 405 -19.47 0.39 10.13
C TRP B 405 -20.43 -0.79 10.07
N GLN B 406 -21.10 -1.06 8.95
CA GLN B 406 -21.94 -2.24 8.83
CA GLN B 406 -21.94 -2.25 8.84
C GLN B 406 -21.11 -3.36 8.22
N LEU B 407 -20.98 -4.49 8.93
CA LEU B 407 -20.22 -5.60 8.37
C LEU B 407 -21.01 -6.27 7.23
N PRO B 408 -20.30 -6.77 6.22
CA PRO B 408 -20.95 -7.62 5.23
C PRO B 408 -21.35 -8.93 5.88
N ASN B 409 -22.27 -9.64 5.22
CA ASN B 409 -22.54 -11.03 5.58
C ASN B 409 -21.56 -11.88 4.80
N TYR B 410 -20.50 -12.34 5.47
CA TYR B 410 -19.44 -13.04 4.79
C TYR B 410 -19.88 -14.39 4.23
N SER B 411 -20.96 -14.97 4.77
CA SER B 411 -21.50 -16.24 4.27
C SER B 411 -22.85 -16.05 3.59
N GLY B 412 -23.20 -14.83 3.24
CA GLY B 412 -24.49 -14.57 2.62
C GLY B 412 -25.68 -14.51 3.58
N ALA B 413 -26.86 -14.31 3.01
CA ALA B 413 -28.03 -13.98 3.78
C ALA B 413 -28.48 -15.14 4.66
N LEU B 414 -28.83 -14.83 5.90
CA LEU B 414 -29.41 -15.73 6.91
C LEU B 414 -28.37 -16.53 7.66
N THR B 415 -27.07 -16.37 7.37
CA THR B 415 -26.00 -17.00 8.13
C THR B 415 -25.21 -15.93 8.87
N LEU B 416 -24.98 -16.14 10.16
CA LEU B 416 -24.26 -15.14 10.94
C LEU B 416 -22.75 -15.17 10.67
N ASN B 417 -22.09 -14.05 10.94
CA ASN B 417 -20.64 -14.01 10.82
C ASN B 417 -19.98 -14.71 12.00
N MET B 418 -18.73 -15.12 11.79
CA MET B 418 -17.97 -15.86 12.80
C MET B 418 -16.52 -15.37 12.87
N GLY B 419 -15.86 -15.70 13.98
CA GLY B 419 -14.44 -15.42 14.15
C GLY B 419 -14.12 -13.95 14.22
N LEU B 420 -15.05 -13.14 14.73
CA LEU B 420 -14.95 -11.70 14.60
C LEU B 420 -14.01 -11.09 15.64
N ALA B 421 -13.25 -10.11 15.20
CA ALA B 421 -12.63 -9.19 16.13
C ALA B 421 -13.71 -8.47 16.94
N PRO B 422 -13.52 -8.27 18.23
CA PRO B 422 -14.61 -7.73 19.05
C PRO B 422 -14.93 -6.27 18.75
N SER B 423 -16.19 -5.90 18.98
CA SER B 423 -16.56 -4.49 18.86
C SER B 423 -15.83 -3.67 19.92
N VAL B 424 -15.62 -2.40 19.62
CA VAL B 424 -14.89 -1.51 20.51
C VAL B 424 -15.80 -0.33 20.85
N PHE B 425 -15.75 0.09 22.10
CA PHE B 425 -16.51 1.25 22.51
C PHE B 425 -15.89 1.80 23.78
N PRO B 426 -15.97 3.11 23.99
CA PRO B 426 -15.42 3.71 25.22
C PRO B 426 -16.26 3.33 26.43
N THR B 427 -15.63 2.73 27.42
CA THR B 427 -16.33 2.40 28.64
C THR B 427 -16.22 3.49 29.71
N TYR B 428 -15.24 4.40 29.59
CA TYR B 428 -15.07 5.42 30.63
C TYR B 428 -15.87 6.67 30.27
N PRO B 429 -16.62 7.26 31.20
CA PRO B 429 -17.46 8.41 30.83
C PRO B 429 -16.63 9.61 30.36
N GLY B 430 -17.12 10.29 29.33
CA GLY B 430 -16.41 11.42 28.79
C GLY B 430 -15.43 11.10 27.67
N GLU B 431 -15.27 9.82 27.31
CA GLU B 431 -14.31 9.41 26.30
C GLU B 431 -14.99 9.08 24.99
N GLN B 432 -14.22 9.22 23.90
CA GLN B 432 -14.63 8.84 22.56
C GLN B 432 -13.48 8.07 21.92
N ILE B 433 -13.81 7.28 20.90
CA ILE B 433 -12.76 6.61 20.12
C ILE B 433 -12.07 7.65 19.24
N LEU B 434 -10.76 7.48 19.07
CA LEU B 434 -9.95 8.31 18.17
C LEU B 434 -9.68 7.51 16.90
N PHE B 435 -9.99 8.10 15.75
CA PHE B 435 -9.87 7.43 14.45
C PHE B 435 -8.78 8.06 13.60
N PHE B 436 -8.18 7.24 12.74
CA PHE B 436 -7.31 7.71 11.67
C PHE B 436 -8.12 7.70 10.37
N ARG B 437 -8.35 8.88 9.80
CA ARG B 437 -9.34 9.05 8.74
C ARG B 437 -8.65 9.27 7.40
N SER B 438 -9.14 8.58 6.37
CA SER B 438 -8.68 8.73 4.99
C SER B 438 -9.85 9.05 4.07
N TYR B 439 -9.64 9.96 3.11
CA TYR B 439 -10.61 10.13 2.02
C TYR B 439 -10.50 8.99 1.01
N ILE B 440 -11.62 8.44 0.60
CA ILE B 440 -11.65 7.29 -0.30
C ILE B 440 -12.29 7.72 -1.61
N PRO B 441 -11.66 7.46 -2.76
CA PRO B 441 -12.20 7.94 -4.04
C PRO B 441 -13.55 7.34 -4.39
N LEU B 442 -14.31 8.10 -5.18
CA LEU B 442 -15.61 7.69 -5.69
C LEU B 442 -15.57 7.65 -7.20
N LYS B 443 -16.12 6.59 -7.80
CA LYS B 443 -16.21 6.55 -9.26
C LYS B 443 -17.25 7.54 -9.79
N GLY B 444 -18.26 7.84 -9.00
CA GLY B 444 -19.23 8.85 -9.36
C GLY B 444 -20.07 9.22 -8.15
N GLY B 445 -20.97 10.16 -8.35
CA GLY B 445 -21.85 10.55 -7.25
C GLY B 445 -21.35 11.74 -6.46
N TYR B 446 -22.14 12.11 -5.46
CA TYR B 446 -21.93 13.34 -4.71
C TYR B 446 -21.59 13.00 -3.25
N GLY B 447 -20.45 13.49 -2.79
CA GLY B 447 -20.06 13.20 -1.41
C GLY B 447 -18.57 13.36 -1.21
N ASP B 448 -18.20 13.41 0.08
CA ASP B 448 -16.79 13.54 0.46
C ASP B 448 -16.39 12.30 1.26
N SER B 449 -16.53 11.14 0.64
CA SER B 449 -16.48 9.88 1.38
C SER B 449 -15.11 9.66 2.00
N HIS B 450 -15.13 9.02 3.17
CA HIS B 450 -13.93 8.70 3.93
C HIS B 450 -14.10 7.32 4.55
N ILE B 451 -13.00 6.80 5.08
CA ILE B 451 -13.02 5.57 5.85
C ILE B 451 -12.06 5.72 7.02
N ASP B 452 -12.47 5.24 8.19
CA ASP B 452 -11.75 5.42 9.45
C ASP B 452 -11.15 4.10 9.90
N CYS B 453 -9.88 4.13 10.33
CA CYS B 453 -9.32 2.93 10.95
C CYS B 453 -8.94 3.21 12.40
N LEU B 454 -8.78 2.12 13.15
CA LEU B 454 -8.49 2.24 14.59
C LEU B 454 -7.01 2.48 14.83
N VAL B 455 -6.14 1.81 14.09
CA VAL B 455 -4.69 2.12 14.10
C VAL B 455 -4.16 1.98 12.70
N PRO B 456 -3.10 2.72 12.37
CA PRO B 456 -2.50 2.61 11.04
C PRO B 456 -1.90 1.23 10.78
N GLN B 457 -1.78 0.90 9.50
CA GLN B 457 -1.19 -0.38 9.14
C GLN B 457 0.22 -0.54 9.69
N GLU B 458 0.97 0.56 9.75
CA GLU B 458 2.33 0.47 10.28
C GLU B 458 2.33 0.10 11.76
N TRP B 459 1.29 0.48 12.50
CA TRP B 459 1.21 0.07 13.91
C TRP B 459 0.96 -1.43 14.00
N ILE B 460 0.08 -1.94 13.14
CA ILE B 460 -0.16 -3.39 13.10
C ILE B 460 1.16 -4.12 12.82
N GLN B 461 1.90 -3.69 11.79
CA GLN B 461 3.16 -4.33 11.48
C GLN B 461 4.16 -4.22 12.63
N HIS B 462 4.11 -3.10 13.38
CA HIS B 462 5.00 -2.89 14.52
C HIS B 462 4.68 -3.86 15.65
N PHE B 463 3.42 -3.88 16.09
CA PHE B 463 3.05 -4.77 17.19
C PHE B 463 3.29 -6.22 16.82
N TYR B 464 2.97 -6.59 15.58
CA TYR B 464 3.16 -7.96 15.13
C TYR B 464 4.62 -8.41 15.29
N GLN B 465 5.56 -7.52 14.97
CA GLN B 465 6.97 -7.88 15.08
C GLN B 465 7.48 -7.81 16.52
N GLU B 466 7.00 -6.82 17.28
CA GLU B 466 7.53 -6.59 18.61
C GLU B 466 7.01 -7.61 19.61
N SER B 467 5.73 -7.97 19.51
CA SER B 467 5.12 -8.93 20.45
C SER B 467 5.46 -8.59 21.90
N ALA B 468 5.35 -7.32 22.25
CA ALA B 468 5.68 -6.91 23.62
C ALA B 468 4.55 -7.30 24.56
N PRO B 469 4.84 -7.92 25.71
CA PRO B 469 3.76 -8.27 26.64
C PRO B 469 3.00 -7.04 27.12
N SER B 470 1.68 -7.14 27.14
CA SER B 470 0.86 -6.06 27.69
C SER B 470 0.82 -6.17 29.21
N GLN B 471 1.34 -5.15 29.90
CA GLN B 471 1.41 -5.19 31.35
C GLN B 471 0.04 -4.94 32.00
N THR B 472 -0.80 -4.10 31.39
CA THR B 472 -2.17 -3.90 31.85
C THR B 472 -3.07 -3.88 30.61
N ASP B 473 -4.35 -3.53 30.84
CA ASP B 473 -5.32 -3.42 29.75
C ASP B 473 -5.22 -2.09 29.00
N VAL B 474 -4.46 -1.13 29.52
CA VAL B 474 -4.42 0.21 28.94
C VAL B 474 -3.01 0.77 28.96
N ALA B 475 -2.49 1.11 27.79
CA ALA B 475 -1.25 1.87 27.68
C ALA B 475 -1.59 3.35 27.57
N LEU B 476 -0.99 4.16 28.42
CA LEU B 476 -1.10 5.61 28.28
C LEU B 476 -0.13 6.08 27.22
N ILE B 477 -0.65 6.73 26.18
CA ILE B 477 0.19 7.29 25.13
C ILE B 477 -0.04 8.81 25.06
N ARG B 478 0.99 9.52 24.67
CA ARG B 478 0.93 10.98 24.56
C ARG B 478 1.39 11.41 23.17
N TYR B 479 0.65 12.35 22.59
CA TYR B 479 0.99 12.90 21.29
C TYR B 479 2.01 14.02 21.49
N VAL B 480 3.14 13.95 20.78
CA VAL B 480 4.20 14.91 21.04
C VAL B 480 4.59 15.63 19.77
N ASN B 481 4.95 16.90 19.92
CA ASN B 481 5.59 17.65 18.85
C ASN B 481 7.09 17.46 18.98
N PRO B 482 7.74 16.70 18.09
CA PRO B 482 9.19 16.44 18.28
C PRO B 482 10.05 17.67 18.03
N GLU B 483 9.54 18.71 17.38
CA GLU B 483 10.37 19.89 17.16
C GLU B 483 10.44 20.74 18.42
N THR B 484 9.28 21.15 18.94
CA THR B 484 9.21 21.90 20.19
C THR B 484 9.43 21.04 21.43
N GLY B 485 9.38 19.71 21.30
CA GLY B 485 9.43 18.80 22.43
C GLY B 485 8.18 18.76 23.29
N ARG B 486 7.14 19.49 22.96
CA ARG B 486 6.00 19.65 23.84
C ARG B 486 4.98 18.54 23.67
N VAL B 487 4.46 18.06 24.79
CA VAL B 487 3.40 17.04 24.83
C VAL B 487 2.07 17.73 24.52
N LEU B 488 1.34 17.21 23.54
CA LEU B 488 0.14 17.90 23.07
C LEU B 488 -1.14 17.42 23.71
N PHE B 489 -1.33 16.10 23.83
CA PHE B 489 -2.49 15.55 24.52
C PHE B 489 -2.18 14.11 24.86
N GLU B 490 -3.06 13.50 25.65
CA GLU B 490 -2.88 12.11 26.07
C GLU B 490 -4.12 11.30 25.73
N ALA B 491 -3.89 9.99 25.58
CA ALA B 491 -4.90 9.07 25.10
C ALA B 491 -4.65 7.71 25.73
N LYS B 492 -5.69 6.89 25.78
CA LYS B 492 -5.57 5.50 26.19
C LYS B 492 -5.46 4.61 24.96
N LEU B 493 -4.42 3.77 24.92
CA LEU B 493 -4.29 2.75 23.89
C LEU B 493 -4.65 1.40 24.52
N HIS B 494 -5.78 0.86 24.13
CA HIS B 494 -6.36 -0.32 24.78
C HIS B 494 -5.76 -1.60 24.24
N ARG B 495 -5.73 -2.63 25.10
CA ARG B 495 -5.14 -3.91 24.75
C ARG B 495 -5.68 -4.46 23.45
N GLN B 496 -6.98 -4.25 23.17
CA GLN B 496 -7.57 -4.81 21.97
C GLN B 496 -7.24 -4.02 20.70
N GLY B 497 -6.53 -2.89 20.80
CA GLY B 497 -6.01 -2.23 19.63
C GLY B 497 -6.82 -1.05 19.13
N TYR B 498 -7.18 -0.15 20.04
CA TYR B 498 -7.86 1.08 19.66
C TYR B 498 -7.58 2.12 20.73
N ILE B 499 -7.87 3.38 20.38
CA ILE B 499 -7.50 4.55 21.16
C ILE B 499 -8.77 5.27 21.58
N THR B 500 -8.80 5.71 22.83
CA THR B 500 -9.82 6.64 23.29
C THR B 500 -9.18 7.90 23.86
N VAL B 501 -9.93 8.99 23.77
CA VAL B 501 -9.51 10.31 24.21
C VAL B 501 -10.66 10.93 24.98
N ALA B 502 -10.32 11.90 25.83
CA ALA B 502 -11.33 12.64 26.60
C ALA B 502 -11.74 13.87 25.78
N ARG B 503 -12.84 13.72 25.04
CA ARG B 503 -13.34 14.78 24.18
C ARG B 503 -14.82 14.49 23.96
N SER B 504 -15.61 15.54 23.87
CA SER B 504 -17.02 15.43 23.58
C SER B 504 -17.30 16.15 22.26
N GLY B 505 -17.92 15.45 21.33
CA GLY B 505 -18.24 16.03 20.03
C GLY B 505 -17.21 15.73 18.96
N SER B 506 -17.41 16.38 17.81
CA SER B 506 -16.67 16.09 16.60
C SER B 506 -15.90 17.30 16.07
N SER B 507 -15.57 18.25 16.91
CA SER B 507 -14.81 19.40 16.47
C SER B 507 -13.38 19.00 16.10
N PRO B 508 -12.69 19.83 15.32
CA PRO B 508 -11.37 19.44 14.80
C PRO B 508 -10.34 19.14 15.89
N ILE B 509 -9.41 18.27 15.54
CA ILE B 509 -8.29 17.93 16.41
C ILE B 509 -7.09 18.73 15.91
N ASN B 510 -6.70 19.76 16.66
CA ASN B 510 -5.73 20.73 16.17
C ASN B 510 -4.35 20.32 16.63
N VAL B 511 -3.62 19.61 15.78
CA VAL B 511 -2.28 19.12 16.08
C VAL B 511 -1.38 19.41 14.90
N PRO B 512 -0.07 19.46 15.12
CA PRO B 512 0.87 19.72 14.01
C PRO B 512 1.14 18.46 13.20
N ALA B 513 1.50 18.69 11.93
CA ALA B 513 1.71 17.57 11.02
C ALA B 513 2.87 16.70 11.44
N ASN B 514 3.80 17.22 12.25
CA ASN B 514 4.96 16.43 12.65
C ASN B 514 4.71 15.61 13.92
N GLY B 515 3.49 15.63 14.47
CA GLY B 515 3.24 14.99 15.75
C GLY B 515 3.15 13.48 15.65
N TYR B 516 3.44 12.81 16.75
CA TYR B 516 3.23 11.36 16.83
C TYR B 516 3.05 10.93 18.28
N PHE B 517 2.46 9.74 18.46
CA PHE B 517 2.27 9.20 19.80
C PHE B 517 3.54 8.56 20.33
N ARG B 518 3.68 8.63 21.64
CA ARG B 518 4.78 8.01 22.38
CA ARG B 518 4.77 7.99 22.35
C ARG B 518 4.19 7.28 23.57
N PHE B 519 4.60 6.03 23.79
CA PHE B 519 4.16 5.30 24.96
C PHE B 519 4.73 5.92 26.22
N ASP B 520 3.88 6.11 27.23
CA ASP B 520 4.32 6.65 28.51
C ASP B 520 4.37 5.59 29.61
N SER B 521 3.26 4.90 29.87
CA SER B 521 3.22 3.92 30.95
C SER B 521 1.96 3.08 30.83
N TRP B 522 1.98 1.92 31.49
CA TRP B 522 0.78 1.11 31.62
C TRP B 522 -0.10 1.65 32.75
N VAL B 523 -1.38 1.87 32.46
CA VAL B 523 -2.33 2.37 33.45
C VAL B 523 -3.50 1.40 33.47
N ASN B 524 -4.70 1.87 33.81
CA ASN B 524 -5.84 0.96 33.79
C ASN B 524 -7.09 1.72 33.35
N GLN B 525 -8.21 0.99 33.31
CA GLN B 525 -9.48 1.55 32.87
C GLN B 525 -9.93 2.73 33.72
N PHE B 526 -9.43 2.84 34.95
CA PHE B 526 -9.81 3.95 35.84
C PHE B 526 -9.09 5.26 35.55
N TYR B 527 -8.01 5.25 34.77
CA TYR B 527 -7.21 6.46 34.58
C TYR B 527 -8.06 7.58 33.99
N SER B 528 -7.90 8.78 34.53
CA SER B 528 -8.65 9.96 34.09
C SER B 528 -7.80 10.78 33.14
N LEU B 529 -8.14 10.77 31.86
CA LEU B 529 -7.37 11.52 30.87
C LEU B 529 -7.60 13.02 30.99
N ALA B 530 -6.54 13.79 30.73
CA ALA B 530 -6.72 15.23 30.61
C ALA B 530 -7.60 15.53 29.40
N PRO B 531 -8.45 16.56 29.46
CA PRO B 531 -9.32 16.85 28.32
C PRO B 531 -8.47 17.12 27.08
N MET B 532 -8.78 16.41 26.00
CA MET B 532 -8.14 16.70 24.72
C MET B 532 -8.81 17.91 24.08
#